data_8AG2
#
_entry.id   8AG2
#
_cell.length_a   27.241
_cell.length_b   65.791
_cell.length_c   39.728
_cell.angle_alpha   90
_cell.angle_beta   102.51
_cell.angle_gamma   90
#
_symmetry.space_group_name_H-M   'P 1 21 1'
#
loop_
_entity.id
_entity.type
_entity.pdbx_description
1 polymer 'Nucleosome-remodeling factor subunit BPTF'
2 non-polymer 5-[3-methoxy-4-[1-(4-methylpiperazin-1-yl)cyclopropyl]phenyl]-1,3,4-trimethyl-pyridin-2-one
3 water water
#
_entity_poly.entity_id   1
_entity_poly.type   'polypeptide(L)'
_entity_poly.pdbx_seq_one_letter_code
;STEDAMTVLTPLTEKDYEGLKRVLRSLQAHKMAWPFLEPVDPNDAPDYYGVIKEPMDLATMEERVQRRYYEKLTEFVADM
TKIFDNCRYYNPSDSPFYQCAEVLESFFVQKLKGFKASRSH
;
_entity_poly.pdbx_strand_id   A
#
# COMPACT_ATOMS: atom_id res chain seq x y z
N SER A 1 -10.83 -2.03 23.26
CA SER A 1 -10.44 -2.96 24.34
C SER A 1 -10.17 -4.36 23.77
N THR A 2 -9.59 -5.25 24.58
CA THR A 2 -9.32 -6.64 24.21
C THR A 2 -10.60 -7.44 23.92
N GLU A 3 -11.76 -6.95 24.40
CA GLU A 3 -13.02 -7.65 24.22
C GLU A 3 -13.74 -7.21 22.92
N ASP A 4 -13.37 -6.06 22.35
CA ASP A 4 -14.03 -5.54 21.18
C ASP A 4 -13.57 -6.25 19.93
N ALA A 5 -14.40 -6.25 18.90
CA ALA A 5 -14.03 -6.87 17.62
C ALA A 5 -12.92 -6.09 16.94
N MET A 6 -12.14 -6.81 16.13
CA MET A 6 -11.11 -6.21 15.32
C MET A 6 -11.74 -5.42 14.19
N THR A 7 -11.20 -4.25 13.92
CA THR A 7 -11.65 -3.40 12.85
C THR A 7 -10.42 -2.68 12.21
N VAL A 8 -10.69 -1.88 11.18
CA VAL A 8 -9.65 -1.05 10.58
C VAL A 8 -9.17 0.06 11.52
N LEU A 9 -9.92 0.36 12.60
CA LEU A 9 -9.50 1.36 13.57
C LEU A 9 -8.81 0.79 14.80
N THR A 10 -8.79 -0.55 14.98
CA THR A 10 -8.12 -1.14 16.13
C THR A 10 -6.65 -0.69 16.17
N PRO A 11 -6.12 -0.22 17.31
CA PRO A 11 -4.69 0.12 17.33
C PRO A 11 -3.82 -1.07 16.91
N LEU A 12 -2.90 -0.80 16.00
CA LEU A 12 -1.94 -1.81 15.56
C LEU A 12 -0.90 -2.04 16.64
N THR A 13 -0.56 -3.29 16.87
CA THR A 13 0.49 -3.65 17.82
C THR A 13 1.71 -4.15 17.05
N GLU A 14 2.86 -4.30 17.79
CA GLU A 14 4.09 -4.82 17.22
C GLU A 14 3.77 -6.17 16.57
N LYS A 15 2.96 -6.99 17.22
CA LYS A 15 2.53 -8.27 16.65
C LYS A 15 1.91 -8.15 15.26
N ASP A 16 1.03 -7.14 15.05
CA ASP A 16 0.35 -6.92 13.76
C ASP A 16 1.30 -6.59 12.63
N TYR A 17 2.45 -6.02 12.97
CA TYR A 17 3.45 -5.67 11.99
C TYR A 17 4.06 -6.90 11.33
N GLU A 18 4.01 -8.08 11.95
CA GLU A 18 4.45 -9.31 11.26
C GLU A 18 3.58 -9.53 9.99
N GLY A 19 2.27 -9.37 10.13
CA GLY A 19 1.37 -9.52 8.99
C GLY A 19 1.48 -8.40 8.00
N LEU A 20 1.64 -7.14 8.47
CA LEU A 20 1.77 -6.01 7.55
C LEU A 20 3.02 -6.13 6.70
N LYS A 21 4.12 -6.56 7.32
CA LYS A 21 5.36 -6.76 6.60
C LYS A 21 5.21 -7.84 5.56
N ARG A 22 4.51 -8.93 5.91
CA ARG A 22 4.27 -10.01 4.95
C ARG A 22 3.47 -9.50 3.75
N VAL A 23 2.43 -8.71 3.99
CA VAL A 23 1.60 -8.17 2.91
C VAL A 23 2.44 -7.26 2.03
N LEU A 24 3.21 -6.37 2.64
CA LEU A 24 4.02 -5.45 1.88
C LEU A 24 5.06 -6.18 1.02
N ARG A 25 5.72 -7.18 1.60
CA ARG A 25 6.71 -7.96 0.86
C ARG A 25 6.07 -8.68 -0.33
N SER A 26 4.82 -9.16 -0.16
CA SER A 26 4.16 -9.86 -1.27
C SER A 26 3.92 -8.90 -2.44
N LEU A 27 3.56 -7.65 -2.14
CA LEU A 27 3.39 -6.67 -3.20
C LEU A 27 4.71 -6.35 -3.87
N GLN A 28 5.75 -6.16 -3.07
CA GLN A 28 7.06 -5.83 -3.61
C GLN A 28 7.61 -6.91 -4.50
N ALA A 29 7.23 -8.17 -4.25
CA ALA A 29 7.70 -9.31 -5.06
C ALA A 29 6.82 -9.59 -6.27
N HIS A 30 5.68 -8.95 -6.41
CA HIS A 30 4.75 -9.19 -7.53
C HIS A 30 5.39 -8.66 -8.82
N LYS A 31 5.25 -9.42 -9.93
CA LYS A 31 5.91 -8.98 -11.16
C LYS A 31 5.35 -7.66 -11.70
N MET A 32 4.12 -7.32 -11.35
CA MET A 32 3.53 -6.10 -11.84
C MET A 32 3.73 -4.93 -10.90
N ALA A 33 4.58 -5.07 -9.87
CA ALA A 33 4.82 -3.99 -8.91
C ALA A 33 5.92 -3.02 -9.35
N TRP A 34 6.60 -3.29 -10.48
CA TRP A 34 7.74 -2.48 -10.91
C TRP A 34 7.48 -0.98 -11.00
N PRO A 35 6.28 -0.50 -11.39
CA PRO A 35 6.13 0.98 -11.41
C PRO A 35 6.10 1.62 -10.03
N PHE A 36 5.89 0.83 -8.98
CA PHE A 36 5.60 1.33 -7.64
C PHE A 36 6.66 1.06 -6.60
N LEU A 37 7.74 0.38 -6.96
CA LEU A 37 8.73 -0.01 -5.98
C LEU A 37 9.46 1.14 -5.35
N GLU A 38 9.70 2.20 -6.14
CA GLU A 38 10.46 3.36 -5.71
C GLU A 38 9.68 4.59 -6.06
N PRO A 39 10.03 5.75 -5.44
CA PRO A 39 9.39 6.99 -5.87
C PRO A 39 9.56 7.20 -7.37
N VAL A 40 8.58 7.83 -7.99
CA VAL A 40 8.70 8.21 -9.40
C VAL A 40 9.96 9.08 -9.57
N ASP A 41 10.78 8.76 -10.54
CA ASP A 41 11.99 9.50 -10.85
C ASP A 41 11.55 10.70 -11.71
N PRO A 42 11.83 11.93 -11.29
CA PRO A 42 11.43 13.08 -12.11
C PRO A 42 11.93 13.04 -13.55
N ASN A 43 13.08 12.39 -13.82
CA ASN A 43 13.57 12.31 -15.20
C ASN A 43 12.67 11.47 -16.08
N ASP A 44 11.95 10.51 -15.52
CA ASP A 44 11.02 9.69 -16.28
C ASP A 44 9.72 10.44 -16.57
N ALA A 45 9.40 11.48 -15.80
CA ALA A 45 8.14 12.21 -15.94
C ALA A 45 8.32 13.60 -15.35
N PRO A 46 8.95 14.50 -16.12
CA PRO A 46 9.29 15.82 -15.58
C PRO A 46 8.17 16.66 -14.99
N ASP A 47 6.94 16.43 -15.42
CA ASP A 47 5.80 17.15 -14.87
C ASP A 47 5.17 16.50 -13.65
N TYR A 48 5.62 15.30 -13.27
CA TYR A 48 4.93 14.52 -12.26
C TYR A 48 4.70 15.25 -10.95
N TYR A 49 5.77 15.77 -10.36
CA TYR A 49 5.69 16.35 -9.01
C TYR A 49 4.99 17.72 -8.99
N GLY A 50 4.73 18.32 -10.13
CA GLY A 50 3.90 19.50 -10.23
C GLY A 50 2.44 19.15 -10.32
N VAL A 51 2.10 17.88 -10.60
CA VAL A 51 0.71 17.43 -10.70
C VAL A 51 0.29 16.69 -9.44
N ILE A 52 1.06 15.67 -9.03
CA ILE A 52 0.72 14.81 -7.91
C ILE A 52 1.19 15.46 -6.62
N LYS A 53 0.25 15.85 -5.77
CA LYS A 53 0.59 16.58 -4.56
C LYS A 53 1.18 15.70 -3.49
N GLU A 54 0.65 14.45 -3.33
CA GLU A 54 1.06 13.56 -2.25
C GLU A 54 1.55 12.26 -2.85
N PRO A 55 2.80 12.24 -3.33
CA PRO A 55 3.34 11.00 -3.90
C PRO A 55 3.44 9.89 -2.87
N MET A 56 3.40 8.64 -3.32
CA MET A 56 3.60 7.50 -2.44
C MET A 56 4.16 6.36 -3.27
N ASP A 57 4.91 5.48 -2.63
CA ASP A 57 5.50 4.31 -3.28
C ASP A 57 5.76 3.26 -2.22
N LEU A 58 6.07 2.05 -2.69
CA LEU A 58 6.25 0.94 -1.79
C LEU A 58 7.51 1.03 -0.92
N ALA A 59 8.59 1.65 -1.42
CA ALA A 59 9.81 1.80 -0.59
C ALA A 59 9.53 2.77 0.55
N THR A 60 8.77 3.83 0.29
CA THR A 60 8.38 4.77 1.35
C THR A 60 7.49 4.07 2.37
N MET A 61 6.57 3.21 1.91
CA MET A 61 5.78 2.44 2.85
C MET A 61 6.65 1.46 3.64
N GLU A 62 7.67 0.88 3.04
CA GLU A 62 8.58 -0.01 3.78
C GLU A 62 9.28 0.74 4.89
N GLU A 63 9.76 1.95 4.60
CA GLU A 63 10.40 2.78 5.62
C GLU A 63 9.43 3.08 6.76
N ARG A 64 8.19 3.46 6.41
CA ARG A 64 7.17 3.74 7.40
C ARG A 64 6.81 2.47 8.22
N VAL A 65 6.74 1.31 7.61
CA VAL A 65 6.54 0.06 8.33
C VAL A 65 7.69 -0.19 9.31
N GLN A 66 8.93 -0.01 8.88
CA GLN A 66 10.11 -0.19 9.76
C GLN A 66 10.02 0.74 10.99
N ARG A 67 9.54 1.97 10.79
CA ARG A 67 9.42 2.95 11.87
C ARG A 67 8.12 2.83 12.66
N ARG A 68 7.27 1.83 12.35
CA ARG A 68 6.00 1.64 13.04
C ARG A 68 5.15 2.94 12.96
N TYR A 69 5.19 3.56 11.78
CA TYR A 69 4.45 4.79 11.50
C TYR A 69 2.93 4.63 11.61
N TYR A 70 2.42 3.51 11.17
CA TYR A 70 0.99 3.27 11.09
C TYR A 70 0.46 2.90 12.46
N GLU A 71 -0.52 3.65 12.92
CA GLU A 71 -1.15 3.39 14.21
C GLU A 71 -2.43 2.57 14.11
N LYS A 72 -3.10 2.62 12.96
CA LYS A 72 -4.33 1.89 12.69
C LYS A 72 -4.27 1.38 11.29
N LEU A 73 -4.93 0.28 11.02
CA LEU A 73 -4.91 -0.30 9.66
C LEU A 73 -5.43 0.68 8.60
N THR A 74 -6.37 1.55 8.94
CA THR A 74 -6.87 2.58 8.01
C THR A 74 -5.73 3.39 7.40
N GLU A 75 -4.71 3.73 8.17
CA GLU A 75 -3.62 4.56 7.68
C GLU A 75 -2.73 3.83 6.69
N PHE A 76 -2.52 2.55 6.91
CA PHE A 76 -1.74 1.68 6.02
C PHE A 76 -2.49 1.54 4.69
N VAL A 77 -3.79 1.24 4.76
CA VAL A 77 -4.61 1.13 3.57
C VAL A 77 -4.64 2.49 2.83
N ALA A 78 -4.69 3.61 3.54
CA ALA A 78 -4.70 4.91 2.89
C ALA A 78 -3.42 5.19 2.09
N ASP A 79 -2.25 4.84 2.65
CA ASP A 79 -1.01 5.04 1.88
C ASP A 79 -0.99 4.14 0.65
N MET A 80 -1.41 2.88 0.82
CA MET A 80 -1.42 1.96 -0.33
C MET A 80 -2.35 2.44 -1.43
N THR A 81 -3.53 2.90 -1.02
CA THR A 81 -4.51 3.42 -1.94
C THR A 81 -4.01 4.66 -2.68
N LYS A 82 -3.25 5.51 -1.99
CA LYS A 82 -2.67 6.70 -2.61
C LYS A 82 -1.74 6.34 -3.75
N ILE A 83 -0.98 5.25 -3.63
CA ILE A 83 -0.12 4.80 -4.71
C ILE A 83 -0.95 4.58 -5.97
N PHE A 84 -2.04 3.84 -5.84
CA PHE A 84 -2.83 3.48 -7.01
C PHE A 84 -3.66 4.65 -7.51
N ASP A 85 -4.18 5.48 -6.61
CA ASP A 85 -4.96 6.65 -7.01
C ASP A 85 -4.09 7.66 -7.73
N ASN A 86 -2.86 7.89 -7.25
CA ASN A 86 -1.95 8.80 -7.96
C ASN A 86 -1.68 8.29 -9.37
N CYS A 87 -1.48 6.97 -9.48
CA CYS A 87 -1.18 6.37 -10.77
C CYS A 87 -2.32 6.57 -11.76
N ARG A 88 -3.55 6.32 -11.29
CA ARG A 88 -4.72 6.47 -12.13
C ARG A 88 -5.10 7.93 -12.37
N TYR A 89 -4.60 8.85 -11.59
CA TYR A 89 -4.84 10.27 -11.83
C TYR A 89 -3.88 10.79 -12.91
N TYR A 90 -2.59 10.43 -12.78
CA TYR A 90 -1.56 10.97 -13.64
C TYR A 90 -1.51 10.36 -15.01
N ASN A 91 -1.81 9.07 -15.11
CA ASN A 91 -1.64 8.28 -16.33
C ASN A 91 -2.97 7.95 -16.96
N PRO A 92 -3.00 7.82 -18.30
CA PRO A 92 -4.23 7.39 -18.97
C PRO A 92 -4.49 5.90 -18.72
N SER A 93 -5.72 5.47 -18.93
CA SER A 93 -6.12 4.08 -18.65
C SER A 93 -5.41 3.05 -19.49
N ASP A 94 -4.83 3.45 -20.64
CA ASP A 94 -4.07 2.53 -21.50
C ASP A 94 -2.55 2.51 -21.17
N SER A 95 -2.12 3.23 -20.15
CA SER A 95 -0.73 3.24 -19.76
C SER A 95 -0.38 1.88 -19.13
N PRO A 96 0.84 1.37 -19.35
CA PRO A 96 1.27 0.16 -18.63
C PRO A 96 1.24 0.36 -17.10
N PHE A 97 1.49 1.59 -16.63
CA PHE A 97 1.51 1.83 -15.19
C PHE A 97 0.10 1.68 -14.61
N TYR A 98 -0.89 2.19 -15.36
CA TYR A 98 -2.29 2.11 -14.96
C TYR A 98 -2.74 0.64 -14.93
N GLN A 99 -2.33 -0.14 -15.94
CA GLN A 99 -2.65 -1.58 -15.96
C GLN A 99 -2.02 -2.29 -14.77
N CYS A 100 -0.79 -1.91 -14.39
CA CYS A 100 -0.14 -2.48 -13.20
C CYS A 100 -0.90 -2.11 -11.94
N ALA A 101 -1.44 -0.90 -11.85
CA ALA A 101 -2.20 -0.49 -10.67
C ALA A 101 -3.47 -1.33 -10.53
N GLU A 102 -4.12 -1.65 -11.66
N GLU A 102 -4.13 -1.64 -11.66
CA GLU A 102 -5.35 -2.46 -11.61
CA GLU A 102 -5.37 -2.44 -11.60
C GLU A 102 -5.07 -3.83 -10.99
C GLU A 102 -5.12 -3.86 -11.07
N VAL A 103 -4.06 -4.53 -11.53
CA VAL A 103 -3.73 -5.85 -11.02
C VAL A 103 -3.19 -5.79 -9.59
N LEU A 104 -2.28 -4.86 -9.30
CA LEU A 104 -1.68 -4.83 -7.97
C LEU A 104 -2.68 -4.43 -6.90
N GLU A 105 -3.65 -3.57 -7.23
CA GLU A 105 -4.62 -3.16 -6.22
C GLU A 105 -5.52 -4.35 -5.86
N SER A 106 -6.01 -5.13 -6.84
CA SER A 106 -6.89 -6.24 -6.43
C SER A 106 -6.03 -7.37 -5.75
N PHE A 107 -4.75 -7.46 -6.02
CA PHE A 107 -3.86 -8.37 -5.30
C PHE A 107 -3.72 -7.89 -3.84
N PHE A 108 -3.53 -6.59 -3.63
CA PHE A 108 -3.48 -6.00 -2.31
C PHE A 108 -4.78 -6.31 -1.54
N VAL A 109 -5.93 -6.12 -2.18
CA VAL A 109 -7.20 -6.41 -1.50
C VAL A 109 -7.31 -7.89 -1.14
N GLN A 110 -6.83 -8.80 -1.99
CA GLN A 110 -6.83 -10.23 -1.64
C GLN A 110 -5.98 -10.48 -0.39
N LYS A 111 -4.78 -9.91 -0.39
CA LYS A 111 -3.87 -10.11 0.72
C LYS A 111 -4.35 -9.45 2.00
N LEU A 112 -4.93 -8.28 1.87
CA LEU A 112 -5.46 -7.56 3.04
C LEU A 112 -6.61 -8.31 3.67
N LYS A 113 -7.47 -8.94 2.85
CA LYS A 113 -8.54 -9.75 3.41
C LYS A 113 -7.97 -10.90 4.22
N GLY A 114 -6.90 -11.52 3.75
CA GLY A 114 -6.25 -12.59 4.50
C GLY A 114 -5.65 -12.09 5.81
N PHE A 115 -5.00 -10.92 5.79
CA PHE A 115 -4.47 -10.32 7.02
C PHE A 115 -5.60 -10.09 8.03
N LYS A 116 -6.70 -9.50 7.57
CA LYS A 116 -7.82 -9.22 8.46
C LYS A 116 -8.41 -10.51 9.06
N ALA A 117 -8.55 -11.57 8.25
CA ALA A 117 -9.15 -12.80 8.74
C ALA A 117 -8.33 -13.45 9.83
N SER A 118 -7.00 -13.39 9.72
N SER A 118 -7.00 -13.32 9.73
CA SER A 118 -6.13 -14.00 10.71
CA SER A 118 -6.03 -13.92 10.65
C SER A 118 -6.03 -13.20 12.00
C SER A 118 -5.80 -13.08 11.93
N ARG A 119 -6.18 -11.89 11.92
N ARG A 119 -6.28 -11.83 11.97
CA ARG A 119 -6.00 -10.98 13.05
CA ARG A 119 -5.97 -10.95 13.07
C ARG A 119 -6.78 -11.27 14.37
C ARG A 119 -6.79 -11.17 14.37
N SER A 120 -6.07 -11.11 15.51
CA SER A 120 -6.61 -11.24 16.87
C SER A 120 -5.94 -10.17 17.76
N HIS A 121 -6.50 -9.89 18.95
CA HIS A 121 -5.90 -8.86 19.82
C HIS A 121 -4.44 -9.18 20.32
#